data_1JDK
#
_entry.id   1JDK
#
_cell.length_a   ?
_cell.length_b   ?
_cell.length_c   ?
_cell.angle_alpha   ?
_cell.angle_beta   ?
_cell.angle_gamma   ?
#
_entity_poly.entity_id   1
_entity_poly.type   'polypeptide(L)'
_entity_poly.pdbx_seq_one_letter_code
;(ACE)IWGESGKLI(DAB)TTA
;
_entity_poly.pdbx_strand_id   A
#
# COMPACT_ATOMS: atom_id res chain seq x y z
N ILE A 2 -2.91 3.06 4.10
CA ILE A 2 -1.95 4.10 3.60
C ILE A 2 -2.57 4.75 2.31
N TRP A 3 -2.37 6.08 2.16
CA TRP A 3 -2.90 6.85 1.00
C TRP A 3 -1.83 6.87 -0.12
N GLY A 4 -1.83 5.79 -0.91
CA GLY A 4 -0.88 5.60 -2.03
C GLY A 4 -1.05 4.17 -2.60
N GLU A 5 -0.46 3.17 -1.92
CA GLU A 5 -0.54 1.75 -2.34
C GLU A 5 -0.80 0.92 -1.04
N SER A 6 -2.04 0.43 -0.83
CA SER A 6 -2.41 -0.38 0.37
C SER A 6 -3.27 -1.60 -0.05
N GLY A 7 -4.59 -1.66 0.26
CA GLY A 7 -5.45 -2.80 -0.11
C GLY A 7 -5.65 -3.79 1.06
N LYS A 8 -4.65 -4.66 1.28
CA LYS A 8 -4.68 -5.67 2.38
C LYS A 8 -4.36 -5.03 3.77
N LEU A 9 -3.11 -4.58 4.01
CA LEU A 9 -2.69 -3.96 5.28
C LEU A 9 -1.59 -2.88 5.01
N ILE A 10 -0.36 -3.29 4.65
CA ILE A 10 0.77 -2.36 4.37
C ILE A 10 1.55 -2.83 3.10
N THR A 12 3.14 -0.53 0.61
CA THR A 12 4.37 0.31 0.38
C THR A 12 5.59 -0.18 1.23
N THR A 13 5.48 -0.19 2.58
CA THR A 13 6.57 -0.67 3.48
C THR A 13 6.14 -2.06 4.04
N ALA A 14 6.35 -3.11 3.23
CA ALA A 14 5.98 -4.50 3.61
C ALA A 14 7.15 -5.20 4.36
N ILE A 2 -3.69 0.22 -10.27
CA ILE A 2 -3.56 0.70 -8.87
C ILE A 2 -2.05 0.56 -8.45
N TRP A 3 -1.27 1.67 -8.50
CA TRP A 3 0.17 1.66 -8.11
C TRP A 3 0.46 2.98 -7.35
N GLY A 4 0.50 2.88 -6.02
CA GLY A 4 0.76 4.04 -5.13
C GLY A 4 0.55 3.68 -3.66
N GLU A 5 -0.73 3.63 -3.23
CA GLU A 5 -1.11 3.29 -1.84
C GLU A 5 -2.25 2.23 -1.93
N SER A 6 -1.91 0.93 -1.78
CA SER A 6 -2.90 -0.18 -1.81
C SER A 6 -2.43 -1.38 -0.91
N GLY A 7 -3.36 -2.30 -0.53
CA GLY A 7 -3.03 -3.46 0.34
C GLY A 7 -3.73 -3.32 1.70
N LYS A 8 -4.69 -4.21 2.02
CA LYS A 8 -5.45 -4.16 3.31
C LYS A 8 -4.61 -4.22 4.63
N LEU A 9 -3.69 -5.20 4.76
CA LEU A 9 -2.81 -5.33 5.96
C LEU A 9 -1.59 -4.37 5.81
N ILE A 10 -0.70 -4.60 4.83
CA ILE A 10 0.50 -3.75 4.56
C ILE A 10 0.14 -2.79 3.38
N THR A 12 1.33 -0.26 1.21
CA THR A 12 2.56 0.30 0.57
C THR A 12 2.69 -0.40 -0.82
N THR A 13 2.59 0.38 -1.91
CA THR A 13 2.70 -0.16 -3.30
C THR A 13 3.61 0.81 -4.12
N ALA A 14 4.94 0.57 -4.06
CA ALA A 14 5.94 1.41 -4.78
C ALA A 14 7.14 0.56 -5.23
N ILE A 2 -9.02 5.30 -8.92
CA ILE A 2 -7.94 5.90 -8.08
C ILE A 2 -7.34 4.77 -7.18
N TRP A 3 -6.19 4.17 -7.59
CA TRP A 3 -5.53 3.09 -6.82
C TRP A 3 -4.00 3.15 -7.10
N GLY A 4 -3.23 3.64 -6.11
CA GLY A 4 -1.75 3.75 -6.22
C GLY A 4 -1.08 2.80 -5.21
N GLU A 5 -0.87 3.31 -3.98
CA GLU A 5 -0.27 2.50 -2.87
C GLU A 5 -1.39 2.28 -1.82
N SER A 6 -2.09 1.13 -1.93
CA SER A 6 -3.18 0.72 -1.01
C SER A 6 -3.32 -0.85 -1.03
N GLY A 7 -3.97 -1.47 -0.02
CA GLY A 7 -4.11 -2.94 -0.01
C GLY A 7 -5.02 -3.44 1.14
N LYS A 8 -4.45 -4.18 2.11
CA LYS A 8 -5.21 -4.73 3.26
C LYS A 8 -4.30 -4.93 4.52
N LEU A 9 -3.22 -5.75 4.42
CA LEU A 9 -2.31 -6.02 5.57
C LEU A 9 -1.45 -4.78 5.99
N ILE A 10 -0.44 -4.38 5.19
CA ILE A 10 0.42 -3.20 5.52
C ILE A 10 0.83 -2.47 4.20
N THR A 12 -0.42 1.63 2.86
CA THR A 12 -1.37 2.79 2.87
C THR A 12 -0.54 4.10 2.71
N THR A 13 -0.56 4.69 1.50
CA THR A 13 0.16 5.97 1.19
C THR A 13 -0.69 6.67 0.09
N ALA A 14 -1.36 7.78 0.44
CA ALA A 14 -2.20 8.54 -0.51
C ALA A 14 -1.35 9.60 -1.27
N ILE A 2 -2.14 -1.60 -9.22
CA ILE A 2 -2.27 -0.14 -8.95
C ILE A 2 -0.99 0.28 -8.15
N TRP A 3 -0.02 0.94 -8.83
CA TRP A 3 1.26 1.37 -8.19
C TRP A 3 1.10 2.79 -7.58
N GLY A 4 0.66 2.82 -6.31
CA GLY A 4 0.45 4.07 -5.55
C GLY A 4 0.38 3.73 -4.06
N GLU A 5 -0.83 3.66 -3.50
CA GLU A 5 -1.06 3.33 -2.07
C GLU A 5 -2.21 2.29 -2.05
N SER A 6 -1.88 1.01 -1.83
CA SER A 6 -2.88 -0.09 -1.78
C SER A 6 -2.38 -1.29 -0.91
N GLY A 7 -3.30 -2.16 -0.41
CA GLY A 7 -2.94 -3.32 0.44
C GLY A 7 -3.72 -3.25 1.77
N LYS A 8 -4.60 -4.23 2.04
CA LYS A 8 -5.42 -4.26 3.30
C LYS A 8 -4.58 -4.33 4.61
N LEU A 9 -3.73 -5.36 4.78
CA LEU A 9 -2.85 -5.50 5.98
C LEU A 9 -1.63 -4.52 5.92
N ILE A 10 -0.79 -4.62 4.86
CA ILE A 10 0.40 -3.74 4.66
C ILE A 10 0.09 -2.82 3.44
N THR A 12 1.30 -0.38 1.13
CA THR A 12 2.56 0.11 0.53
C THR A 12 2.29 0.43 -0.97
N THR A 13 2.43 -0.55 -1.90
CA THR A 13 2.20 -0.34 -3.36
C THR A 13 1.98 -1.72 -4.05
N ALA A 14 0.93 -1.84 -4.90
CA ALA A 14 0.63 -3.10 -5.63
C ALA A 14 1.21 -3.03 -7.06
N ILE A 2 4.14 -6.92 -1.60
CA ILE A 2 4.77 -6.03 -2.61
C ILE A 2 3.63 -5.17 -3.26
N TRP A 3 3.43 -3.93 -2.79
CA TRP A 3 2.35 -3.02 -3.31
C TRP A 3 2.88 -1.55 -3.34
N GLY A 4 2.27 -0.69 -4.18
CA GLY A 4 2.62 0.76 -4.25
C GLY A 4 1.93 1.51 -3.08
N GLU A 5 0.61 1.72 -3.21
CA GLU A 5 -0.22 2.35 -2.16
C GLU A 5 -1.65 1.77 -2.39
N SER A 6 -2.06 0.75 -1.62
CA SER A 6 -3.39 0.10 -1.77
C SER A 6 -4.03 -0.20 -0.38
N GLY A 7 -4.27 -1.47 0.00
CA GLY A 7 -4.88 -1.81 1.31
C GLY A 7 -5.17 -3.30 1.47
N LYS A 8 -4.18 -4.03 2.02
CA LYS A 8 -4.29 -5.49 2.28
C LYS A 8 -3.86 -5.67 3.77
N LEU A 9 -2.55 -5.75 4.05
CA LEU A 9 -2.01 -5.82 5.44
C LEU A 9 -1.60 -4.37 5.81
N ILE A 10 -0.52 -3.85 5.20
CA ILE A 10 -0.03 -2.45 5.39
C ILE A 10 -0.20 -1.70 4.03
N THR A 12 1.56 0.69 2.23
CA THR A 12 2.74 0.76 1.32
C THR A 12 3.29 -0.65 0.96
N THR A 13 4.27 -1.21 1.69
CA THR A 13 4.89 -2.55 1.40
C THR A 13 5.14 -3.31 2.73
N ALA A 14 4.72 -4.58 2.79
CA ALA A 14 4.90 -5.44 3.99
C ALA A 14 6.25 -6.20 3.93
N ILE A 2 4.23 12.03 -5.72
CA ILE A 2 2.91 11.34 -5.50
C ILE A 2 3.10 9.81 -5.25
N TRP A 3 2.50 9.30 -4.16
CA TRP A 3 2.60 7.86 -3.79
C TRP A 3 1.26 7.43 -3.11
N GLY A 4 0.52 6.52 -3.75
CA GLY A 4 -0.76 5.99 -3.21
C GLY A 4 -0.86 4.48 -3.49
N GLU A 5 -0.37 3.65 -2.55
CA GLU A 5 -0.40 2.17 -2.68
C GLU A 5 -0.97 1.57 -1.36
N SER A 6 -2.15 0.92 -1.44
CA SER A 6 -2.82 0.28 -0.26
C SER A 6 -3.55 -1.04 -0.71
N GLY A 7 -4.10 -1.82 0.26
CA GLY A 7 -4.80 -3.08 -0.08
C GLY A 7 -5.31 -3.83 1.15
N LYS A 8 -4.56 -4.87 1.58
CA LYS A 8 -4.93 -5.70 2.75
C LYS A 8 -4.53 -5.07 4.13
N LEU A 9 -3.22 -4.89 4.41
CA LEU A 9 -2.75 -4.31 5.70
C LEU A 9 -1.55 -3.33 5.50
N ILE A 10 -0.42 -3.78 4.91
CA ILE A 10 0.78 -2.92 4.68
C ILE A 10 1.36 -3.15 3.24
N THR A 12 3.64 -1.50 0.98
CA THR A 12 4.72 -0.47 0.86
C THR A 12 5.77 -0.93 -0.18
N THR A 13 6.22 0.02 -1.03
CA THR A 13 7.21 -0.24 -2.11
C THR A 13 8.64 -0.06 -1.51
N ALA A 14 9.35 -1.19 -1.31
CA ALA A 14 10.73 -1.18 -0.75
C ALA A 14 11.81 -0.97 -1.84
N ILE A 2 1.41 1.60 5.43
CA ILE A 2 0.31 1.66 4.43
C ILE A 2 0.10 3.14 3.97
N TRP A 3 0.77 3.55 2.86
CA TRP A 3 0.65 4.93 2.30
C TRP A 3 0.91 4.85 0.77
N GLY A 4 -0.04 5.35 -0.03
CA GLY A 4 0.06 5.33 -1.51
C GLY A 4 -0.63 4.11 -2.17
N GLU A 5 -0.10 2.92 -1.87
CA GLU A 5 -0.63 1.62 -2.38
C GLU A 5 -1.45 0.99 -1.21
N SER A 6 -2.79 0.96 -1.30
CA SER A 6 -3.65 0.38 -0.21
C SER A 6 -3.81 -1.17 -0.37
N GLY A 7 -5.03 -1.69 -0.59
CA GLY A 7 -5.25 -3.16 -0.76
C GLY A 7 -5.36 -3.94 0.56
N LYS A 8 -4.19 -4.22 1.16
CA LYS A 8 -4.07 -4.98 2.44
C LYS A 8 -3.59 -4.05 3.63
N LEU A 9 -3.12 -4.65 4.74
CA LEU A 9 -2.63 -3.90 5.94
C LEU A 9 -1.17 -3.34 5.90
N ILE A 10 -0.23 -3.92 5.10
CA ILE A 10 1.17 -3.44 4.99
C ILE A 10 1.57 -3.60 3.50
N THR A 12 3.52 -0.95 0.45
CA THR A 12 4.08 0.36 0.00
C THR A 12 4.90 0.05 -1.29
N THR A 13 4.25 0.21 -2.46
CA THR A 13 4.89 -0.03 -3.78
C THR A 13 4.41 1.11 -4.73
N ALA A 14 5.29 2.09 -4.99
CA ALA A 14 4.98 3.25 -5.86
C ALA A 14 5.19 2.93 -7.36
N ILE A 2 5.90 10.97 -3.53
CA ILE A 2 5.49 9.65 -4.08
C ILE A 2 4.68 8.90 -2.98
N TRP A 3 3.32 8.95 -3.03
CA TRP A 3 2.45 8.26 -2.04
C TRP A 3 1.13 7.84 -2.76
N GLY A 4 0.96 6.54 -2.98
CA GLY A 4 -0.26 5.99 -3.64
C GLY A 4 -0.21 4.47 -3.78
N GLU A 5 -0.46 3.74 -2.67
CA GLU A 5 -0.43 2.26 -2.66
C GLU A 5 -1.24 1.78 -1.41
N SER A 6 -2.28 0.95 -1.61
CA SER A 6 -3.11 0.38 -0.50
C SER A 6 -3.63 -1.04 -0.90
N GLY A 7 -4.19 -1.82 0.07
CA GLY A 7 -4.70 -3.17 -0.23
C GLY A 7 -5.27 -3.89 1.01
N LYS A 8 -4.47 -4.79 1.61
CA LYS A 8 -4.89 -5.56 2.81
C LYS A 8 -4.50 -4.85 4.15
N LEU A 9 -3.21 -4.76 4.49
CA LEU A 9 -2.74 -4.11 5.74
C LEU A 9 -1.38 -3.39 5.53
N ILE A 10 -0.28 -4.13 5.25
CA ILE A 10 1.07 -3.54 5.04
C ILE A 10 1.39 -3.32 3.53
N THR A 12 2.31 0.33 1.53
CA THR A 12 2.46 1.82 1.53
C THR A 12 3.78 2.22 0.82
N THR A 13 3.69 3.18 -0.12
CA THR A 13 4.87 3.71 -0.87
C THR A 13 5.28 5.05 -0.21
N ALA A 14 6.46 5.08 0.43
CA ALA A 14 6.98 6.30 1.12
C ALA A 14 7.69 7.25 0.13
N ILE A 2 6.48 9.96 -3.01
CA ILE A 2 5.80 8.70 -3.41
C ILE A 2 5.06 8.13 -2.15
N TRP A 3 3.73 8.33 -2.05
CA TRP A 3 2.93 7.84 -0.90
C TRP A 3 1.48 7.59 -1.39
N GLY A 4 1.12 6.32 -1.63
CA GLY A 4 -0.23 5.94 -2.11
C GLY A 4 -0.31 4.54 -2.73
N GLU A 5 -0.20 3.49 -1.91
CA GLU A 5 -0.28 2.08 -2.38
C GLU A 5 -0.75 1.23 -1.15
N SER A 6 -2.04 0.86 -1.12
CA SER A 6 -2.64 0.05 0.00
C SER A 6 -3.46 -1.18 -0.55
N GLY A 7 -4.02 -2.01 0.35
CA GLY A 7 -4.81 -3.19 -0.05
C GLY A 7 -5.35 -3.92 1.19
N LYS A 8 -4.63 -4.96 1.66
CA LYS A 8 -5.02 -5.74 2.87
C LYS A 8 -4.55 -5.02 4.16
N LEU A 9 -3.22 -4.89 4.37
CA LEU A 9 -2.62 -4.21 5.55
C LEU A 9 -1.73 -3.07 4.98
N ILE A 10 -0.47 -3.37 4.59
CA ILE A 10 0.47 -2.37 4.01
C ILE A 10 0.99 -3.01 2.69
N THR A 12 2.77 -1.28 -0.32
CA THR A 12 4.13 -0.82 -0.71
C THR A 12 4.50 0.46 0.11
N THR A 13 3.88 1.61 -0.20
CA THR A 13 4.16 2.90 0.49
C THR A 13 2.85 3.53 1.07
N ALA A 14 2.35 2.98 2.18
CA ALA A 14 1.12 3.46 2.87
C ALA A 14 1.12 2.98 4.33
N ILE A 2 -7.36 1.26 2.29
CA ILE A 2 -6.17 1.94 1.72
C ILE A 2 -5.11 2.13 2.86
N TRP A 3 -4.04 1.30 2.87
CA TRP A 3 -2.97 1.39 3.90
C TRP A 3 -1.61 1.49 3.16
N GLY A 4 -1.22 2.74 2.84
CA GLY A 4 0.06 3.02 2.12
C GLY A 4 -0.04 3.09 0.58
N GLU A 5 -0.39 1.98 -0.10
CA GLU A 5 -0.51 1.93 -1.59
C GLU A 5 -1.78 1.26 -2.18
N SER A 6 -2.33 0.21 -1.53
CA SER A 6 -3.57 -0.50 -2.01
C SER A 6 -4.36 -1.10 -0.80
N GLY A 7 -5.30 -2.04 -1.06
CA GLY A 7 -6.09 -2.70 0.01
C GLY A 7 -5.38 -3.91 0.67
N LYS A 8 -4.31 -3.60 1.42
CA LYS A 8 -3.47 -4.59 2.14
C LYS A 8 -2.89 -3.82 3.36
N LEU A 9 -3.11 -4.35 4.58
CA LEU A 9 -2.63 -3.72 5.85
C LEU A 9 -1.13 -3.29 5.99
N ILE A 10 -0.20 -3.93 5.28
CA ILE A 10 1.26 -3.56 5.33
C ILE A 10 1.85 -3.48 3.88
N THR A 12 3.66 -0.08 1.98
CA THR A 12 3.98 1.38 1.85
C THR A 12 5.01 1.53 0.69
N THR A 13 4.51 1.95 -0.48
CA THR A 13 5.35 2.15 -1.70
C THR A 13 4.84 3.46 -2.38
N ALA A 14 5.66 4.52 -2.35
CA ALA A 14 5.32 5.83 -2.94
C ALA A 14 5.68 5.86 -4.45
N ILE A 2 -7.54 0.85 -1.66
CA ILE A 2 -6.74 1.82 -2.44
C ILE A 2 -6.50 3.10 -1.55
N TRP A 3 -5.34 3.19 -0.88
CA TRP A 3 -4.97 4.35 -0.03
C TRP A 3 -3.42 4.43 -0.07
N GLY A 4 -2.89 5.39 -0.84
CA GLY A 4 -1.42 5.56 -1.02
C GLY A 4 -0.86 4.67 -2.14
N GLU A 5 -0.75 3.37 -1.85
CA GLU A 5 -0.25 2.33 -2.78
C GLU A 5 -1.36 1.26 -3.04
N SER A 6 -1.83 0.56 -2.00
CA SER A 6 -2.92 -0.47 -2.11
C SER A 6 -3.73 -0.50 -0.77
N GLY A 7 -4.09 -1.69 -0.25
CA GLY A 7 -4.86 -1.79 1.02
C GLY A 7 -5.25 -3.23 1.34
N LYS A 8 -4.43 -3.92 2.14
CA LYS A 8 -4.67 -5.33 2.56
C LYS A 8 -4.19 -5.54 4.02
N LEU A 9 -2.86 -5.48 4.28
CA LEU A 9 -2.27 -5.63 5.64
C LEU A 9 -1.60 -4.27 5.99
N ILE A 10 -0.47 -3.94 5.33
CA ILE A 10 0.26 -2.66 5.53
C ILE A 10 0.95 -2.29 4.18
N THR A 12 1.03 1.38 2.18
CA THR A 12 0.64 2.80 1.97
C THR A 12 1.93 3.59 1.64
N THR A 13 2.10 3.96 0.36
CA THR A 13 3.27 4.73 -0.14
C THR A 13 2.70 5.71 -1.20
N ALA A 14 2.45 6.98 -0.79
CA ALA A 14 1.90 8.02 -1.69
C ALA A 14 3.03 8.76 -2.45
N ILE A 2 7.38 8.62 -0.08
CA ILE A 2 6.19 9.13 -0.84
C ILE A 2 5.84 8.06 -1.90
N TRP A 3 4.86 7.16 -1.60
CA TRP A 3 4.43 6.09 -2.54
C TRP A 3 2.97 5.71 -2.18
N GLY A 4 2.02 5.95 -3.09
CA GLY A 4 0.58 5.67 -2.85
C GLY A 4 0.13 4.27 -3.31
N GLU A 5 0.03 3.31 -2.37
CA GLU A 5 -0.41 1.92 -2.65
C GLU A 5 -0.99 1.31 -1.34
N SER A 6 -2.30 1.00 -1.32
CA SER A 6 -2.98 0.38 -0.14
C SER A 6 -3.83 -0.87 -0.58
N GLY A 7 -4.22 -1.77 0.35
CA GLY A 7 -5.01 -2.97 -0.01
C GLY A 7 -5.32 -3.87 1.19
N LYS A 8 -4.46 -4.87 1.44
CA LYS A 8 -4.63 -5.84 2.58
C LYS A 8 -4.39 -5.20 3.98
N LEU A 9 -3.13 -4.81 4.30
CA LEU A 9 -2.77 -4.17 5.60
C LEU A 9 -1.58 -3.19 5.39
N ILE A 10 -0.40 -3.66 4.92
CA ILE A 10 0.79 -2.79 4.66
C ILE A 10 1.27 -3.10 3.22
N THR A 12 2.39 -0.30 0.93
CA THR A 12 3.36 0.72 0.46
C THR A 12 4.85 0.35 0.72
N THR A 13 5.67 0.50 -0.34
CA THR A 13 7.12 0.21 -0.31
C THR A 13 7.77 1.34 -1.18
N ALA A 14 8.31 2.39 -0.52
CA ALA A 14 8.94 3.54 -1.22
C ALA A 14 10.42 3.27 -1.57
N ILE A 2 7.69 7.71 -0.63
CA ILE A 2 6.54 8.21 -1.43
C ILE A 2 5.99 6.99 -2.25
N TRP A 3 4.89 6.36 -1.78
CA TRP A 3 4.28 5.20 -2.48
C TRP A 3 2.77 5.11 -2.08
N GLY A 4 1.87 5.43 -3.03
CA GLY A 4 0.41 5.38 -2.79
C GLY A 4 -0.20 4.04 -3.23
N GLU A 5 -0.27 3.08 -2.28
CA GLU A 5 -0.81 1.72 -2.55
C GLU A 5 -1.51 1.23 -1.25
N SER A 6 -2.85 1.11 -1.26
CA SER A 6 -3.63 0.64 -0.07
C SER A 6 -4.32 -0.73 -0.39
N GLY A 7 -3.62 -1.88 -0.27
CA GLY A 7 -4.21 -3.21 -0.55
C GLY A 7 -4.93 -3.83 0.67
N LYS A 8 -4.21 -4.65 1.46
CA LYS A 8 -4.78 -5.32 2.67
C LYS A 8 -4.43 -4.53 3.96
N LEU A 9 -3.15 -4.53 4.41
CA LEU A 9 -2.69 -3.82 5.63
C LEU A 9 -1.29 -3.20 5.38
N ILE A 10 -0.23 -4.02 5.23
CA ILE A 10 1.16 -3.54 4.98
C ILE A 10 1.45 -3.74 3.46
N THR A 12 3.34 -1.15 1.32
CA THR A 12 4.10 0.10 1.05
C THR A 12 5.58 -0.29 0.80
N THR A 13 6.05 -0.14 -0.46
CA THR A 13 7.45 -0.45 -0.86
C THR A 13 7.90 0.69 -1.83
N ALA A 14 8.51 1.76 -1.28
CA ALA A 14 8.98 2.92 -2.08
C ALA A 14 10.32 2.67 -2.78
N ILE A 2 4.55 10.78 -5.19
CA ILE A 2 3.07 10.65 -5.27
C ILE A 2 2.75 9.22 -5.81
N TRP A 3 2.45 8.26 -4.90
CA TRP A 3 2.13 6.87 -5.29
C TRP A 3 1.16 6.27 -4.22
N GLY A 4 -0.10 6.06 -4.60
CA GLY A 4 -1.12 5.49 -3.67
C GLY A 4 -1.18 3.95 -3.76
N GLU A 5 -0.62 3.26 -2.75
CA GLU A 5 -0.60 1.77 -2.68
C GLU A 5 -1.24 1.35 -1.32
N SER A 6 -2.42 0.70 -1.36
CA SER A 6 -3.12 0.23 -0.13
C SER A 6 -3.66 -1.22 -0.35
N GLY A 7 -4.96 -1.50 -0.15
CA GLY A 7 -5.53 -2.86 -0.32
C GLY A 7 -5.34 -3.74 0.94
N LYS A 8 -4.11 -4.27 1.08
CA LYS A 8 -3.70 -5.12 2.23
C LYS A 8 -3.21 -4.21 3.41
N LEU A 9 -3.33 -4.73 4.65
CA LEU A 9 -2.90 -3.99 5.89
C LEU A 9 -1.41 -3.49 5.99
N ILE A 10 -0.47 -4.09 5.22
CA ILE A 10 0.96 -3.66 5.19
C ILE A 10 1.35 -3.62 3.69
N THR A 12 3.32 -0.68 1.12
CA THR A 12 3.97 0.65 0.90
C THR A 12 5.16 0.47 -0.10
N THR A 13 5.21 1.34 -1.13
CA THR A 13 6.29 1.30 -2.16
C THR A 13 7.40 2.31 -1.73
N ALA A 14 8.51 1.77 -1.18
CA ALA A 14 9.66 2.58 -0.72
C ALA A 14 10.97 1.85 -1.05
N ILE A 2 -1.51 -1.85 -9.87
CA ILE A 2 -1.80 -0.90 -8.76
C ILE A 2 -0.45 -0.62 -8.00
N TRP A 3 0.21 0.52 -8.29
CA TRP A 3 1.49 0.91 -7.64
C TRP A 3 1.36 2.40 -7.18
N GLY A 4 0.91 2.58 -5.93
CA GLY A 4 0.73 3.91 -5.33
C GLY A 4 0.55 3.79 -3.81
N GLU A 5 -0.68 3.48 -3.37
CA GLU A 5 -1.01 3.27 -1.93
C GLU A 5 -2.20 2.29 -1.89
N SER A 6 -1.91 0.98 -1.73
CA SER A 6 -2.96 -0.08 -1.67
C SER A 6 -2.44 -1.31 -0.84
N GLY A 7 -3.36 -2.23 -0.45
CA GLY A 7 -3.01 -3.42 0.36
C GLY A 7 -3.73 -3.32 1.72
N LYS A 8 -4.67 -4.25 2.01
CA LYS A 8 -5.45 -4.27 3.29
C LYS A 8 -4.58 -4.28 4.60
N LEU A 9 -3.68 -5.27 4.76
CA LEU A 9 -2.80 -5.38 5.95
C LEU A 9 -1.59 -4.40 5.83
N ILE A 10 -0.76 -4.57 4.78
CA ILE A 10 0.43 -3.72 4.50
C ILE A 10 0.08 -2.71 3.36
N THR A 12 1.40 -0.03 1.35
CA THR A 12 2.68 0.55 0.84
C THR A 12 2.46 0.97 -0.64
N THR A 13 2.40 0.02 -1.59
CA THR A 13 2.20 0.29 -3.04
C THR A 13 1.12 -0.66 -3.63
N ALA A 14 1.34 -1.98 -3.61
CA ALA A 14 0.38 -2.99 -4.13
C ALA A 14 -0.44 -3.67 -3.01
N ILE A 2 3.58 -2.69 -5.33
CA ILE A 2 3.23 -1.26 -5.58
C ILE A 2 3.68 -0.44 -4.32
N TRP A 3 4.78 0.33 -4.43
CA TRP A 3 5.30 1.16 -3.30
C TRP A 3 4.69 2.59 -3.43
N GLY A 4 3.48 2.73 -2.88
CA GLY A 4 2.70 3.99 -2.90
C GLY A 4 1.45 3.83 -2.03
N GLU A 5 0.46 3.07 -2.51
CA GLU A 5 -0.80 2.81 -1.76
C GLU A 5 -1.47 1.50 -2.29
N SER A 6 -1.81 0.56 -1.38
CA SER A 6 -2.48 -0.73 -1.74
C SER A 6 -3.78 -0.87 -0.88
N GLY A 7 -4.00 -2.01 -0.18
CA GLY A 7 -5.21 -2.20 0.66
C GLY A 7 -5.43 -3.65 1.13
N LYS A 8 -4.59 -4.13 2.05
CA LYS A 8 -4.67 -5.51 2.63
C LYS A 8 -4.25 -5.38 4.12
N LEU A 9 -2.93 -5.26 4.40
CA LEU A 9 -2.37 -5.09 5.76
C LEU A 9 -1.50 -3.79 5.65
N ILE A 10 -0.26 -3.89 5.10
CA ILE A 10 0.63 -2.71 4.90
C ILE A 10 0.15 -1.94 3.62
N THR A 12 1.27 1.64 2.44
CA THR A 12 2.35 2.35 1.70
C THR A 12 3.55 1.49 1.21
N THR A 13 4.29 0.81 2.11
CA THR A 13 5.48 -0.02 1.73
C THR A 13 5.04 -1.48 1.43
N ALA A 14 4.45 -1.71 0.25
CA ALA A 14 3.96 -3.05 -0.19
C ALA A 14 4.82 -3.61 -1.34
N ILE A 2 -4.09 0.85 -9.88
CA ILE A 2 -3.66 1.43 -8.57
C ILE A 2 -2.36 0.69 -8.11
N TRP A 3 -1.17 1.29 -8.34
CA TRP A 3 0.14 0.70 -7.95
C TRP A 3 0.92 1.78 -7.14
N GLY A 4 0.71 1.78 -5.82
CA GLY A 4 1.37 2.75 -4.91
C GLY A 4 0.88 2.59 -3.46
N GLU A 5 -0.32 3.13 -3.18
CA GLU A 5 -0.94 3.06 -1.82
C GLU A 5 -2.25 2.23 -1.97
N SER A 6 -2.11 0.89 -1.94
CA SER A 6 -3.24 -0.06 -2.09
C SER A 6 -2.87 -1.40 -1.37
N GLY A 7 -3.42 -1.73 -0.17
CA GLY A 7 -3.06 -2.99 0.51
C GLY A 7 -3.79 -3.13 1.85
N LYS A 8 -4.60 -4.21 2.02
CA LYS A 8 -5.37 -4.47 3.27
C LYS A 8 -4.52 -4.61 4.57
N LEU A 9 -3.49 -5.48 4.60
CA LEU A 9 -2.59 -5.66 5.78
C LEU A 9 -1.57 -4.48 5.78
N ILE A 10 -0.54 -4.50 4.91
CA ILE A 10 0.45 -3.40 4.79
C ILE A 10 -0.09 -2.41 3.71
N THR A 12 1.20 -0.08 1.55
CA THR A 12 1.87 0.03 0.22
C THR A 12 1.39 -1.08 -0.79
N THR A 13 1.74 -2.36 -0.55
CA THR A 13 1.34 -3.49 -1.43
C THR A 13 1.24 -4.75 -0.53
N ALA A 14 0.00 -5.20 -0.24
CA ALA A 14 -0.26 -6.40 0.60
C ALA A 14 -0.39 -7.68 -0.26
N ILE A 2 -0.86 -0.74 -8.90
CA ILE A 2 -0.58 0.62 -8.38
C ILE A 2 0.41 0.47 -7.18
N TRP A 3 1.70 0.77 -7.39
CA TRP A 3 2.75 0.65 -6.33
C TRP A 3 2.92 2.03 -5.62
N GLY A 4 2.02 2.26 -4.66
CA GLY A 4 1.99 3.49 -3.86
C GLY A 4 1.15 3.27 -2.58
N GLU A 5 -0.18 3.42 -2.70
CA GLU A 5 -1.12 3.22 -1.56
C GLU A 5 -2.17 2.14 -1.98
N SER A 6 -1.92 0.87 -1.62
CA SER A 6 -2.84 -0.28 -1.92
C SER A 6 -2.51 -1.49 -0.97
N GLY A 7 -3.50 -2.35 -0.61
CA GLY A 7 -3.25 -3.50 0.30
C GLY A 7 -3.95 -3.32 1.67
N LYS A 8 -4.77 -4.30 2.10
CA LYS A 8 -5.48 -4.25 3.41
C LYS A 8 -4.53 -4.28 4.66
N LEU A 9 -3.59 -5.24 4.73
CA LEU A 9 -2.62 -5.34 5.86
C LEU A 9 -1.47 -4.30 5.72
N ILE A 10 -0.73 -4.35 4.61
CA ILE A 10 0.39 -3.41 4.31
C ILE A 10 -0.09 -2.45 3.18
N THR A 12 1.12 0.89 2.64
CA THR A 12 2.28 1.61 2.04
C THR A 12 3.23 0.59 1.35
N THR A 13 3.13 0.49 0.02
CA THR A 13 3.95 -0.44 -0.81
C THR A 13 5.25 0.25 -1.31
N ALA A 14 5.16 1.30 -2.16
CA ALA A 14 6.35 2.03 -2.68
C ALA A 14 6.05 3.54 -2.66
N ILE A 2 -9.38 -0.58 -4.57
CA ILE A 2 -8.13 0.21 -4.36
C ILE A 2 -6.98 -0.81 -4.05
N TRP A 3 -6.07 -1.07 -5.03
CA TRP A 3 -4.94 -2.02 -4.84
C TRP A 3 -3.68 -1.38 -5.49
N GLY A 4 -2.88 -0.70 -4.66
CA GLY A 4 -1.65 0.00 -5.10
C GLY A 4 -0.86 0.43 -3.85
N GLU A 5 -1.14 1.64 -3.33
CA GLU A 5 -0.50 2.13 -2.07
C GLU A 5 -1.52 2.01 -0.89
N SER A 6 -1.97 0.77 -0.63
CA SER A 6 -2.95 0.39 0.42
C SER A 6 -3.09 -1.16 0.30
N GLY A 7 -4.13 -1.68 -0.41
CA GLY A 7 -4.32 -3.13 -0.63
C GLY A 7 -5.14 -3.86 0.44
N LYS A 8 -4.48 -4.21 1.56
CA LYS A 8 -5.13 -4.96 2.68
C LYS A 8 -4.53 -4.59 4.07
N LEU A 9 -3.21 -4.77 4.30
CA LEU A 9 -2.54 -4.46 5.59
C LEU A 9 -1.29 -3.56 5.33
N ILE A 10 -0.20 -4.11 4.77
CA ILE A 10 1.04 -3.32 4.46
C ILE A 10 0.79 -2.32 3.28
N THR A 12 2.78 -1.01 0.75
CA THR A 12 3.28 -1.44 -0.57
C THR A 12 2.67 -2.83 -0.95
N THR A 13 1.47 -2.80 -1.57
CA THR A 13 0.72 -4.01 -2.00
C THR A 13 0.08 -3.68 -3.38
N ALA A 14 0.83 -3.96 -4.46
CA ALA A 14 0.40 -3.69 -5.86
C ALA A 14 0.56 -4.96 -6.73
N ILE A 2 -3.95 9.96 3.36
CA ILE A 2 -2.85 9.62 2.41
C ILE A 2 -2.97 8.11 2.03
N TRP A 3 -3.77 7.77 0.99
CA TRP A 3 -3.97 6.36 0.54
C TRP A 3 -3.35 6.27 -0.88
N GLY A 4 -2.13 5.71 -0.97
CA GLY A 4 -1.41 5.57 -2.26
C GLY A 4 -1.44 4.11 -2.77
N GLU A 5 -0.45 3.32 -2.36
CA GLU A 5 -0.33 1.89 -2.74
C GLU A 5 -0.63 1.07 -1.45
N SER A 6 -1.87 0.60 -1.30
CA SER A 6 -2.31 -0.18 -0.11
C SER A 6 -3.64 -0.97 -0.40
N GLY A 7 -4.14 -1.76 0.58
CA GLY A 7 -5.38 -2.54 0.39
C GLY A 7 -5.60 -3.58 1.51
N LYS A 8 -4.86 -4.70 1.44
CA LYS A 8 -4.96 -5.80 2.44
C LYS A 8 -4.38 -5.46 3.85
N LEU A 9 -3.08 -5.13 3.95
CA LEU A 9 -2.42 -4.80 5.26
C LEU A 9 -1.73 -3.42 5.09
N ILE A 10 -0.40 -3.37 4.83
CA ILE A 10 0.35 -2.09 4.65
C ILE A 10 1.49 -2.29 3.61
N THR A 12 2.58 0.42 1.04
CA THR A 12 3.35 1.70 1.01
C THR A 12 2.74 2.63 2.11
N THR A 13 1.53 3.19 1.89
CA THR A 13 0.86 4.10 2.87
C THR A 13 -0.69 4.01 2.70
N ALA A 14 -1.41 3.88 3.83
CA ALA A 14 -2.89 3.79 3.85
C ALA A 14 -3.56 5.00 4.54
N ILE A 2 7.62 7.73 -0.29
CA ILE A 2 6.32 8.26 -0.82
C ILE A 2 5.84 7.15 -1.81
N TRP A 3 4.77 6.41 -1.46
CA TRP A 3 4.23 5.33 -2.32
C TRP A 3 2.71 5.17 -1.99
N GLY A 4 1.83 5.55 -2.93
CA GLY A 4 0.37 5.45 -2.74
C GLY A 4 -0.21 4.09 -3.20
N GLU A 5 -0.27 3.12 -2.28
CA GLU A 5 -0.78 1.75 -2.57
C GLU A 5 -1.40 1.23 -1.24
N SER A 6 -2.74 1.08 -1.19
CA SER A 6 -3.45 0.59 0.04
C SER A 6 -4.20 -0.75 -0.29
N GLY A 7 -3.53 -1.94 -0.21
CA GLY A 7 -4.18 -3.23 -0.51
C GLY A 7 -4.93 -3.82 0.70
N LYS A 8 -4.25 -4.67 1.50
CA LYS A 8 -4.84 -5.31 2.70
C LYS A 8 -4.41 -4.51 3.97
N LEU A 9 -3.20 -4.72 4.52
CA LEU A 9 -2.70 -4.01 5.73
C LEU A 9 -1.42 -3.21 5.34
N ILE A 10 -0.29 -3.91 5.10
CA ILE A 10 1.00 -3.29 4.72
C ILE A 10 1.26 -3.63 3.22
N THR A 12 3.62 -1.73 0.34
CA THR A 12 4.55 -0.64 -0.10
C THR A 12 5.82 -1.23 -0.76
N THR A 13 6.13 -0.77 -1.99
CA THR A 13 7.32 -1.21 -2.77
C THR A 13 7.98 0.05 -3.41
N ALA A 14 8.69 0.85 -2.59
CA ALA A 14 9.36 2.09 -3.06
C ALA A 14 10.80 1.80 -3.52
N ILE A 2 8.98 -1.73 -5.55
CA ILE A 2 7.84 -2.50 -4.97
C ILE A 2 7.12 -1.55 -3.95
N TRP A 3 5.98 -0.94 -4.34
CA TRP A 3 5.19 -0.04 -3.47
C TRP A 3 3.68 -0.30 -3.76
N GLY A 4 2.99 -0.98 -2.84
CA GLY A 4 1.55 -1.30 -2.96
C GLY A 4 0.74 -0.66 -1.82
N GLU A 5 0.20 0.54 -2.08
CA GLU A 5 -0.62 1.29 -1.08
C GLU A 5 -2.07 1.50 -1.64
N SER A 6 -2.83 0.39 -1.68
CA SER A 6 -4.24 0.37 -2.16
C SER A 6 -4.86 -0.98 -1.62
N GLY A 7 -5.43 -1.04 -0.39
CA GLY A 7 -5.98 -2.32 0.16
C GLY A 7 -4.86 -3.34 0.50
N LYS A 8 -4.07 -3.04 1.56
CA LYS A 8 -2.93 -3.90 1.98
C LYS A 8 -2.83 -3.94 3.54
N LEU A 9 -2.47 -5.13 4.08
CA LEU A 9 -2.29 -5.34 5.55
C LEU A 9 -1.19 -4.44 6.22
N ILE A 10 -0.05 -4.22 5.50
CA ILE A 10 1.06 -3.34 5.95
C ILE A 10 1.12 -2.25 4.83
N THR A 12 2.89 0.68 4.25
CA THR A 12 4.23 1.09 3.74
C THR A 12 4.98 -0.21 3.27
N THR A 13 4.93 -0.46 1.95
CA THR A 13 5.58 -1.66 1.34
C THR A 13 7.01 -1.27 0.88
N ALA A 14 8.04 -1.74 1.62
CA ALA A 14 9.46 -1.44 1.31
C ALA A 14 10.02 -2.27 0.14
N ILE A 2 4.14 -3.21 -0.12
CA ILE A 2 4.08 -2.32 -1.32
C ILE A 2 4.59 -0.88 -0.99
N TRP A 3 5.48 -0.33 -1.84
CA TRP A 3 6.00 1.06 -1.67
C TRP A 3 5.09 2.01 -2.50
N GLY A 4 4.00 2.46 -1.86
CA GLY A 4 3.01 3.35 -2.49
C GLY A 4 1.68 3.29 -1.71
N GLU A 5 0.63 2.70 -2.31
CA GLU A 5 -0.71 2.58 -1.65
C GLU A 5 -1.58 1.51 -2.37
N SER A 6 -2.18 0.57 -1.60
CA SER A 6 -3.07 -0.48 -2.17
C SER A 6 -4.26 -0.70 -1.16
N GLY A 7 -4.47 -1.93 -0.65
CA GLY A 7 -5.55 -2.23 0.31
C GLY A 7 -5.32 -3.63 0.93
N LYS A 8 -4.40 -3.69 1.91
CA LYS A 8 -4.01 -4.94 2.61
C LYS A 8 -3.51 -4.63 4.07
N LEU A 9 -2.86 -5.61 4.74
CA LEU A 9 -2.29 -5.43 6.11
C LEU A 9 -1.18 -4.32 6.27
N ILE A 10 -0.45 -3.99 5.18
CA ILE A 10 0.59 -2.93 5.15
C ILE A 10 0.29 -2.08 3.87
N THR A 12 1.13 1.47 3.13
CA THR A 12 2.30 2.27 2.68
C THR A 12 3.54 1.70 3.44
N THR A 13 4.38 0.92 2.75
CA THR A 13 5.60 0.30 3.34
C THR A 13 6.79 1.27 3.10
N ALA A 14 7.42 1.74 4.20
CA ALA A 14 8.58 2.66 4.15
C ALA A 14 9.81 1.93 4.73
N ILE A 2 7.01 5.36 -0.37
CA ILE A 2 5.59 5.79 -0.64
C ILE A 2 5.29 6.08 -2.16
N TRP A 3 5.17 5.02 -2.96
CA TRP A 3 4.81 5.11 -4.41
C TRP A 3 3.91 3.89 -4.70
N GLY A 4 2.59 4.10 -4.52
CA GLY A 4 1.56 3.04 -4.69
C GLY A 4 0.91 2.80 -3.31
N GLU A 5 -0.29 3.38 -3.09
CA GLU A 5 -1.02 3.24 -1.80
C GLU A 5 -2.17 2.20 -1.98
N SER A 6 -1.91 0.92 -1.67
CA SER A 6 -2.90 -0.18 -1.80
C SER A 6 -2.50 -1.39 -0.86
N GLY A 7 -3.46 -2.28 -0.52
CA GLY A 7 -3.18 -3.45 0.37
C GLY A 7 -3.81 -3.29 1.76
N LYS A 8 -4.78 -4.16 2.11
CA LYS A 8 -5.45 -4.11 3.46
C LYS A 8 -4.51 -4.35 4.69
N LEU A 9 -3.62 -5.37 4.63
CA LEU A 9 -2.65 -5.66 5.72
C LEU A 9 -1.46 -4.63 5.77
N ILE A 10 -0.82 -4.33 4.61
CA ILE A 10 0.29 -3.36 4.51
C ILE A 10 -0.06 -2.36 3.35
N THR A 12 1.46 0.80 2.60
CA THR A 12 2.68 1.36 1.96
C THR A 12 3.37 0.24 1.13
N THR A 13 3.20 0.30 -0.20
CA THR A 13 3.77 -0.69 -1.15
C THR A 13 4.60 0.10 -2.20
N ALA A 14 5.94 -0.09 -2.19
CA ALA A 14 6.87 0.59 -3.13
C ALA A 14 6.89 -0.11 -4.51
N ILE A 2 10.16 4.59 -1.46
CA ILE A 2 8.96 4.58 -2.36
C ILE A 2 7.79 3.86 -1.61
N TRP A 3 6.81 4.63 -1.09
CA TRP A 3 5.63 4.07 -0.36
C TRP A 3 4.36 4.66 -1.03
N GLY A 4 3.82 3.92 -2.01
CA GLY A 4 2.60 4.33 -2.76
C GLY A 4 1.28 3.99 -2.03
N GLU A 5 0.45 3.11 -2.63
CA GLU A 5 -0.87 2.73 -2.04
C GLU A 5 -1.21 1.23 -2.35
N SER A 6 -1.60 0.45 -1.32
CA SER A 6 -2.01 -0.99 -1.47
C SER A 6 -3.38 -1.16 -0.74
N GLY A 7 -3.51 -1.91 0.38
CA GLY A 7 -4.82 -2.05 1.05
C GLY A 7 -4.90 -3.04 2.23
N LYS A 8 -5.04 -4.34 1.92
CA LYS A 8 -5.18 -5.43 2.94
C LYS A 8 -4.12 -5.49 4.08
N LEU A 9 -2.82 -5.68 3.77
CA LEU A 9 -1.75 -5.74 4.81
C LEU A 9 -1.39 -4.34 5.39
N ILE A 10 -0.90 -3.40 4.55
CA ILE A 10 -0.52 -2.03 4.96
C ILE A 10 -0.76 -1.12 3.71
N THR A 12 0.39 2.26 3.07
CA THR A 12 1.63 2.97 2.63
C THR A 12 2.78 1.97 2.25
N THR A 13 2.77 1.53 0.98
CA THR A 13 3.77 0.58 0.40
C THR A 13 3.58 0.55 -1.14
N ALA A 14 4.69 0.54 -1.91
CA ALA A 14 4.63 0.51 -3.39
C ALA A 14 4.36 -0.91 -3.96
#